data_2WGI
#
_entry.id   2WGI
#
_cell.length_a   48.800
_cell.length_b   93.100
_cell.length_c   127.700
_cell.angle_alpha   90.00
_cell.angle_beta   90.00
_cell.angle_gamma   90.00
#
_symmetry.space_group_name_H-M   'P 21 21 21'
#
loop_
_entity.id
_entity.type
_entity.pdbx_description
1 polymer 'BETA-LACTAMASE OXA-10'
2 non-polymer 'OPEN FORM - PENICILLIN G'
3 non-polymer GLYCEROL
4 water water
#
_entity_poly.entity_id   1
_entity_poly.type   'polypeptide(L)'
_entity_poly.pdbx_seq_one_letter_code
;MGSITENTSWNKEFSAEAVNGVFVLCKSSSKSCATNDLARASKEYLPASTFKIPNAIIGLETGVIKNEHQVFKWDGKPRA
MKQWERDLTLRGAIQVSAVPVFQQIAREVGEVRMQKYLKKFSYGNQNISGGIDKFALEGQLRISAVNQVEFLESLYLNKL
SASKENQLIVKEALVTEAAPEYLVHSKTGFSGVGTESNPGVAWWVGWVEKETEVYFFAFNMDIDNESKLPLRKSIPTKIM
ESEGIIGG
;
_entity_poly.pdbx_strand_id   A,B
#
# COMPACT_ATOMS: atom_id res chain seq x y z
N SER A 3 -8.38 -0.55 28.63
CA SER A 3 -8.88 -1.77 29.33
C SER A 3 -8.43 -3.08 28.66
N ILE A 4 -7.58 -3.83 29.36
CA ILE A 4 -6.97 -5.05 28.84
C ILE A 4 -7.51 -6.28 29.59
N THR A 5 -7.99 -7.28 28.85
CA THR A 5 -8.62 -8.47 29.46
C THR A 5 -7.99 -9.83 29.05
N GLU A 6 -7.94 -10.77 30.00
CA GLU A 6 -7.18 -12.04 29.82
C GLU A 6 -7.99 -13.19 29.21
N ASN A 7 -7.40 -13.82 28.19
CA ASN A 7 -8.03 -14.91 27.43
C ASN A 7 -7.17 -16.18 27.43
N THR A 8 -7.55 -17.16 28.24
CA THR A 8 -6.74 -18.38 28.43
C THR A 8 -6.89 -19.42 27.30
N SER A 9 -7.80 -19.17 26.35
CA SER A 9 -8.16 -20.15 25.31
C SER A 9 -7.06 -20.41 24.27
N TRP A 10 -6.02 -19.58 24.27
CA TRP A 10 -4.92 -19.76 23.33
C TRP A 10 -3.62 -20.23 23.96
N ASN A 11 -3.66 -20.45 25.27
CA ASN A 11 -2.52 -20.97 26.01
C ASN A 11 -2.09 -22.39 25.61
N LYS A 12 -2.85 -23.04 24.74
CA LYS A 12 -2.49 -24.35 24.24
C LYS A 12 -1.31 -24.24 23.26
N GLU A 13 -1.29 -23.14 22.51
CA GLU A 13 -0.22 -22.87 21.53
C GLU A 13 1.12 -22.54 22.16
N PHE A 14 1.09 -21.70 23.19
CA PHE A 14 2.31 -21.30 23.90
C PHE A 14 2.91 -22.47 24.68
N SER A 15 2.05 -23.29 25.28
CA SER A 15 2.47 -24.49 26.05
C SER A 15 3.05 -25.56 25.14
N ALA A 16 2.37 -25.85 24.03
CA ALA A 16 2.80 -26.86 23.07
C ALA A 16 4.14 -26.51 22.43
N GLU A 17 4.38 -25.21 22.22
CA GLU A 17 5.61 -24.74 21.59
C GLU A 17 6.76 -24.39 22.56
N ALA A 18 6.51 -24.61 23.86
CA ALA A 18 7.48 -24.30 24.93
C ALA A 18 8.02 -22.85 24.83
N VAL A 19 7.10 -21.91 24.60
CA VAL A 19 7.44 -20.51 24.36
C VAL A 19 6.95 -19.62 25.48
N ASN A 20 7.79 -18.68 25.90
CA ASN A 20 7.36 -17.61 26.80
C ASN A 20 7.16 -16.30 26.03
N GLY A 21 5.89 -15.94 25.80
CA GLY A 21 5.56 -14.71 25.07
C GLY A 21 4.19 -14.14 25.37
N VAL A 22 3.84 -13.08 24.64
CA VAL A 22 2.55 -12.40 24.82
C VAL A 22 1.99 -11.86 23.49
N PHE A 23 0.67 -11.98 23.32
CA PHE A 23 -0.01 -11.39 22.17
C PHE A 23 -1.07 -10.41 22.68
N VAL A 24 -1.14 -9.24 22.06
CA VAL A 24 -2.16 -8.25 22.38
C VAL A 24 -2.88 -7.84 21.11
N LEU A 25 -4.21 -8.00 21.12
CA LEU A 25 -5.04 -7.73 19.94
C LEU A 25 -6.25 -6.87 20.32
N CYS A 26 -6.45 -5.77 19.59
CA CYS A 26 -7.52 -4.80 19.89
C CYS A 26 -8.38 -4.52 18.65
N LYS A 27 -9.70 -4.39 18.85
CA LYS A 27 -10.62 -4.00 17.75
C LYS A 27 -10.96 -2.52 17.85
N SER A 28 -11.10 -1.86 16.70
CA SER A 28 -11.57 -0.45 16.60
C SER A 28 -10.63 0.57 17.26
N SER A 29 -10.53 0.46 18.59
CA SER A 29 -9.79 1.40 19.44
C SER A 29 -9.02 0.61 20.52
N SER A 30 -7.81 1.06 20.87
CA SER A 30 -7.00 0.40 21.94
C SER A 30 -7.54 0.68 23.36
N LYS A 31 -8.85 0.99 23.44
CA LYS A 31 -9.53 1.17 24.71
C LYS A 31 -10.15 -0.15 25.23
N SER A 32 -10.22 -1.16 24.35
CA SER A 32 -10.58 -2.54 24.75
C SER A 32 -9.76 -3.61 23.99
N CYS A 33 -8.75 -4.15 24.66
CA CYS A 33 -7.84 -5.16 24.08
C CYS A 33 -7.92 -6.52 24.80
N ALA A 34 -7.48 -7.58 24.12
CA ALA A 34 -7.38 -8.93 24.70
C ALA A 34 -5.94 -9.44 24.72
N THR A 35 -5.62 -10.30 25.69
CA THR A 35 -4.28 -10.89 25.81
C THR A 35 -4.27 -12.24 26.53
N ASN A 36 -3.18 -12.99 26.34
CA ASN A 36 -2.97 -14.28 27.01
C ASN A 36 -2.30 -14.16 28.39
N ASP A 37 -1.51 -13.11 28.58
CA ASP A 37 -0.85 -12.84 29.86
C ASP A 37 -0.87 -11.32 30.22
N LEU A 38 -1.74 -10.96 31.16
CA LEU A 38 -1.89 -9.57 31.64
C LEU A 38 -0.57 -8.98 32.10
N ALA A 39 0.14 -9.74 32.93
CA ALA A 39 1.41 -9.31 33.49
C ALA A 39 2.43 -8.96 32.40
N ARG A 40 2.59 -9.86 31.42
CA ARG A 40 3.58 -9.65 30.37
C ARG A 40 3.16 -8.56 29.38
N ALA A 41 1.85 -8.40 29.16
CA ALA A 41 1.35 -7.40 28.21
C ALA A 41 1.91 -6.01 28.47
N SER A 42 2.15 -5.69 29.75
CA SER A 42 2.66 -4.37 30.14
C SER A 42 4.16 -4.34 30.47
N LYS A 43 4.81 -5.50 30.45
CA LYS A 43 6.24 -5.57 30.72
C LYS A 43 7.06 -5.08 29.51
N GLU A 44 8.13 -4.35 29.81
CA GLU A 44 8.88 -3.59 28.79
C GLU A 44 10.16 -4.29 28.30
N TYR A 45 10.25 -4.47 27.00
CA TYR A 45 11.40 -5.09 26.37
C TYR A 45 12.05 -4.14 25.38
N LEU A 46 13.33 -4.38 25.07
CA LEU A 46 14.04 -3.67 23.99
C LEU A 46 13.20 -3.67 22.70
N PRO A 47 13.10 -2.50 22.02
CA PRO A 47 12.24 -2.43 20.83
C PRO A 47 12.83 -3.18 19.64
N ALA A 48 14.15 -3.34 19.63
CA ALA A 48 14.89 -3.87 18.47
C ALA A 48 14.49 -3.11 17.18
N SER A 49 14.31 -3.84 16.08
CA SER A 49 14.09 -3.20 14.78
C SER A 49 12.70 -2.53 14.61
N THR A 50 11.81 -2.68 15.60
CA THR A 50 10.51 -1.97 15.56
C THR A 50 10.70 -0.48 15.85
N PHE A 51 11.91 -0.12 16.29
CA PHE A 51 12.26 1.29 16.51
C PHE A 51 12.44 2.02 15.18
N LYS A 52 12.50 1.27 14.09
CA LYS A 52 12.63 1.87 12.77
C LYS A 52 11.41 2.73 12.43
N ILE A 53 10.26 2.38 12.99
CA ILE A 53 9.03 3.11 12.76
C ILE A 53 9.09 4.56 13.31
N PRO A 54 9.35 4.73 14.64
CA PRO A 54 9.47 6.10 15.13
C PRO A 54 10.65 6.82 14.50
N ASN A 55 11.77 6.11 14.35
CA ASN A 55 12.97 6.66 13.69
C ASN A 55 12.65 7.29 12.31
N ALA A 56 11.93 6.54 11.47
CA ALA A 56 11.56 7.02 10.14
C ALA A 56 10.72 8.30 10.20
N ILE A 57 9.77 8.35 11.12
CA ILE A 57 8.93 9.54 11.27
C ILE A 57 9.77 10.74 11.68
N ILE A 58 10.70 10.51 12.61
CA ILE A 58 11.57 11.59 13.10
C ILE A 58 12.55 12.04 12.01
N GLY A 59 13.17 11.08 11.31
CA GLY A 59 14.03 11.38 10.15
C GLY A 59 13.39 12.33 9.11
N LEU A 60 12.13 12.07 8.76
CA LEU A 60 11.36 12.92 7.84
C LEU A 60 10.99 14.27 8.48
N GLU A 61 10.56 14.25 9.75
CA GLU A 61 10.17 15.49 10.48
C GLU A 61 11.30 16.48 10.53
N THR A 62 12.49 15.99 10.84
CA THR A 62 13.68 16.82 10.95
C THR A 62 14.29 17.19 9.58
N GLY A 63 13.79 16.57 8.53
CA GLY A 63 14.31 16.82 7.19
C GLY A 63 15.67 16.20 6.95
N VAL A 64 16.06 15.28 7.82
CA VAL A 64 17.26 14.47 7.62
C VAL A 64 17.04 13.54 6.43
N ILE A 65 15.82 12.97 6.35
CA ILE A 65 15.32 12.26 5.17
C ILE A 65 14.51 13.28 4.36
N LYS A 66 14.94 13.59 3.14
CA LYS A 66 14.37 14.73 2.40
C LYS A 66 12.90 14.55 2.02
N ASN A 67 12.55 13.38 1.48
CA ASN A 67 11.15 13.03 1.16
C ASN A 67 10.97 11.52 0.96
N GLU A 68 9.78 11.11 0.51
CA GLU A 68 9.44 9.68 0.31
C GLU A 68 10.32 8.98 -0.76
N HIS A 69 10.89 9.77 -1.68
CA HIS A 69 11.64 9.25 -2.82
C HIS A 69 13.16 9.21 -2.60
N GLN A 70 13.56 9.56 -1.38
CA GLN A 70 14.97 9.48 -0.93
C GLN A 70 15.60 8.11 -1.21
N VAL A 71 16.78 8.12 -1.82
CA VAL A 71 17.58 6.89 -2.01
C VAL A 71 18.85 6.90 -1.14
N PHE A 72 18.95 5.92 -0.25
CA PHE A 72 20.11 5.78 0.61
C PHE A 72 21.18 4.99 -0.11
N LYS A 73 22.20 5.69 -0.58
CA LYS A 73 23.29 5.07 -1.33
C LYS A 73 24.11 4.18 -0.42
N TRP A 74 24.40 2.97 -0.91
CA TRP A 74 25.32 2.06 -0.25
C TRP A 74 26.73 2.57 -0.52
N ASP A 75 27.53 2.67 0.54
CA ASP A 75 28.88 3.23 0.42
C ASP A 75 29.89 2.24 -0.19
N GLY A 76 29.47 0.99 -0.36
CA GLY A 76 30.31 -0.03 -0.97
C GLY A 76 31.08 -0.87 0.04
N LYS A 77 30.98 -0.51 1.32
CA LYS A 77 31.66 -1.27 2.38
C LYS A 77 30.82 -2.48 2.79
N PRO A 78 31.48 -3.62 3.13
CA PRO A 78 30.75 -4.83 3.53
C PRO A 78 29.84 -4.58 4.73
N ARG A 79 28.62 -5.12 4.68
CA ARG A 79 27.69 -5.01 5.80
C ARG A 79 27.37 -6.40 6.39
N ALA A 80 26.60 -6.44 7.46
CA ALA A 80 26.33 -7.68 8.22
C ALA A 80 25.53 -8.74 7.45
N MET A 81 24.61 -8.29 6.59
CA MET A 81 23.77 -9.17 5.78
C MET A 81 23.86 -8.75 4.32
N LYS A 82 23.69 -9.70 3.41
CA LYS A 82 23.80 -9.38 1.98
C LYS A 82 22.73 -8.41 1.46
N GLN A 83 21.48 -8.59 1.89
CA GLN A 83 20.38 -7.73 1.40
C GLN A 83 20.61 -6.25 1.65
N TRP A 84 21.50 -5.94 2.58
CA TRP A 84 21.83 -4.54 2.91
C TRP A 84 22.91 -3.95 1.99
N GLU A 85 23.55 -4.81 1.18
CA GLU A 85 24.65 -4.35 0.34
C GLU A 85 24.14 -3.87 -1.02
N ARG A 86 23.31 -2.83 -0.98
CA ARG A 86 22.73 -2.20 -2.17
C ARG A 86 22.06 -0.86 -1.83
N ASP A 87 21.78 -0.05 -2.86
CA ASP A 87 21.01 1.18 -2.69
C ASP A 87 19.57 0.84 -2.25
N LEU A 88 19.01 1.63 -1.34
CA LEU A 88 17.67 1.33 -0.81
C LEU A 88 16.76 2.56 -0.73
N THR A 89 15.47 2.31 -0.94
CA THR A 89 14.43 3.30 -0.72
C THR A 89 14.02 3.23 0.74
N LEU A 90 13.13 4.13 1.18
CA LEU A 90 12.66 4.11 2.55
C LEU A 90 12.00 2.77 2.85
N ARG A 91 11.07 2.36 1.98
CA ARG A 91 10.37 1.09 2.14
C ARG A 91 11.36 -0.09 2.08
N GLY A 92 12.26 -0.05 1.11
CA GLY A 92 13.29 -1.07 0.99
C GLY A 92 14.07 -1.26 2.29
N ALA A 93 14.58 -0.16 2.83
CA ALA A 93 15.34 -0.18 4.08
C ALA A 93 14.52 -0.65 5.28
N ILE A 94 13.23 -0.30 5.31
CA ILE A 94 12.35 -0.79 6.40
C ILE A 94 12.08 -2.29 6.26
N GLN A 95 11.84 -2.74 5.02
CA GLN A 95 11.48 -4.14 4.75
C GLN A 95 12.62 -5.16 4.95
N VAL A 96 13.83 -4.82 4.48
CA VAL A 96 14.99 -5.69 4.75
C VAL A 96 15.64 -5.39 6.09
N SER A 97 15.19 -4.29 6.71
CA SER A 97 15.58 -3.90 8.06
C SER A 97 17.06 -3.51 8.15
N ALA A 98 17.54 -2.74 7.17
CA ALA A 98 18.96 -2.36 7.10
C ALA A 98 19.37 -1.40 8.21
N VAL A 99 20.01 -1.96 9.24
CA VAL A 99 20.39 -1.22 10.44
C VAL A 99 21.32 -0.02 10.18
N PRO A 100 22.41 -0.21 9.37
CA PRO A 100 23.28 0.95 9.13
C PRO A 100 22.56 2.17 8.51
N VAL A 101 21.58 1.94 7.63
CA VAL A 101 20.80 3.06 7.07
C VAL A 101 20.13 3.86 8.20
N PHE A 102 19.48 3.17 9.11
CA PHE A 102 18.80 3.84 10.22
C PHE A 102 19.73 4.30 11.35
N GLN A 103 20.89 3.66 11.49
CA GLN A 103 21.92 4.16 12.39
C GLN A 103 22.38 5.55 11.96
N GLN A 104 22.60 5.69 10.65
CA GLN A 104 23.05 6.95 10.05
C GLN A 104 22.01 8.07 10.15
N ILE A 105 20.73 7.72 10.01
CA ILE A 105 19.62 8.66 10.15
C ILE A 105 19.59 9.23 11.60
N ALA A 106 19.70 8.33 12.58
CA ALA A 106 19.67 8.69 14.00
C ALA A 106 20.91 9.48 14.43
N ARG A 107 22.05 9.20 13.79
CA ARG A 107 23.27 9.95 14.05
C ARG A 107 23.07 11.44 13.74
N GLU A 108 22.47 11.72 12.58
CA GLU A 108 22.15 13.09 12.14
C GLU A 108 21.07 13.74 12.99
N VAL A 109 20.05 12.98 13.36
CA VAL A 109 18.97 13.47 14.20
C VAL A 109 19.53 14.01 15.52
N GLY A 110 20.50 13.29 16.08
CA GLY A 110 21.14 13.68 17.34
C GLY A 110 20.40 13.06 18.51
N GLU A 111 21.11 12.76 19.58
CA GLU A 111 20.50 12.10 20.72
C GLU A 111 19.44 12.95 21.42
N VAL A 112 19.70 14.25 21.56
CA VAL A 112 18.76 15.18 22.21
C VAL A 112 17.44 15.35 21.44
N ARG A 113 17.52 15.51 20.12
CA ARG A 113 16.30 15.62 19.29
C ARG A 113 15.44 14.36 19.30
N MET A 114 16.09 13.21 19.20
CA MET A 114 15.42 11.92 19.23
C MET A 114 14.71 11.74 20.57
N GLN A 115 15.43 12.04 21.64
CA GLN A 115 14.93 12.02 23.00
C GLN A 115 13.58 12.73 23.09
N LYS A 116 13.54 13.96 22.57
CA LYS A 116 12.36 14.85 22.64
C LYS A 116 11.14 14.29 21.95
N TYR A 117 11.28 13.93 20.67
CA TYR A 117 10.18 13.38 19.89
C TYR A 117 9.61 12.10 20.50
N LEU A 118 10.49 11.25 21.03
CA LEU A 118 10.05 10.05 21.72
C LEU A 118 9.15 10.37 22.92
N LYS A 119 9.58 11.31 23.76
CA LYS A 119 8.73 11.80 24.85
C LYS A 119 7.39 12.25 24.26
N LYS A 120 7.46 13.02 23.17
CA LYS A 120 6.29 13.56 22.48
C LYS A 120 5.35 12.46 21.98
N PHE A 121 5.92 11.34 21.54
CA PHE A 121 5.12 10.22 21.02
C PHE A 121 4.64 9.29 22.13
N SER A 122 5.12 9.51 23.36
CA SER A 122 4.91 8.59 24.47
C SER A 122 5.43 7.20 24.11
N TYR A 123 6.58 7.18 23.44
CA TYR A 123 7.19 5.94 23.01
C TYR A 123 8.15 5.40 24.06
N GLY A 124 7.72 4.36 24.77
CA GLY A 124 8.62 3.59 25.61
C GLY A 124 8.89 4.12 27.00
N ASN A 125 9.76 3.41 27.71
CA ASN A 125 9.99 3.54 29.16
C ASN A 125 9.60 4.87 29.81
N ALA A 136 17.70 1.98 20.21
CA ALA A 136 18.70 0.89 19.86
C ALA A 136 18.13 -0.57 19.79
N LEU A 137 18.90 -1.49 19.19
CA LEU A 137 18.61 -2.95 19.27
C LEU A 137 19.27 -3.60 20.49
N GLU A 138 20.00 -2.76 21.25
CA GLU A 138 20.39 -3.01 22.66
C GLU A 138 20.89 -1.68 23.29
N GLY A 139 20.07 -1.10 24.19
CA GLY A 139 20.39 0.20 24.80
C GLY A 139 19.87 0.35 26.21
N GLN A 140 19.03 1.36 26.42
CA GLN A 140 18.44 1.64 27.73
C GLN A 140 16.94 1.93 27.62
N LEU A 141 16.44 1.96 26.38
CA LEU A 141 15.03 2.23 26.09
C LEU A 141 14.25 0.92 25.84
N ARG A 142 13.14 0.75 26.58
CA ARG A 142 12.30 -0.45 26.45
C ARG A 142 10.84 -0.05 26.24
N ILE A 143 10.04 -0.94 25.66
CA ILE A 143 8.65 -0.66 25.36
C ILE A 143 7.78 -1.91 25.56
N SER A 144 6.54 -1.71 26.02
CA SER A 144 5.60 -2.82 26.21
C SER A 144 4.74 -3.08 24.98
N ALA A 145 4.09 -4.24 24.94
CA ALA A 145 3.18 -4.60 23.85
C ALA A 145 1.94 -3.74 23.88
N VAL A 146 1.50 -3.32 25.07
CA VAL A 146 0.39 -2.36 25.20
C VAL A 146 0.80 -0.99 24.67
N ASN A 147 1.99 -0.55 25.05
CA ASN A 147 2.56 0.69 24.54
C ASN A 147 2.66 0.72 23.01
N GLN A 148 3.10 -0.39 22.41
CA GLN A 148 3.28 -0.48 20.96
C GLN A 148 1.94 -0.26 20.26
N VAL A 149 0.91 -0.92 20.77
CA VAL A 149 -0.42 -0.87 20.18
C VAL A 149 -1.05 0.55 20.25
N GLU A 150 -0.82 1.26 21.35
CA GLU A 150 -1.32 2.64 21.52
C GLU A 150 -0.63 3.60 20.55
N PHE A 151 0.67 3.37 20.34
CA PHE A 151 1.48 4.16 19.41
C PHE A 151 1.05 3.93 17.96
N LEU A 152 0.81 2.66 17.59
CA LEU A 152 0.42 2.31 16.23
C LEU A 152 -0.97 2.85 15.88
N GLU A 153 -1.84 2.92 16.88
CA GLU A 153 -3.16 3.51 16.70
C GLU A 153 -3.03 4.98 16.29
N SER A 154 -2.30 5.77 17.11
CA SER A 154 -2.03 7.19 16.84
C SER A 154 -1.50 7.43 15.43
N LEU A 155 -0.55 6.59 15.00
CA LEU A 155 -0.02 6.65 13.65
C LEU A 155 -1.15 6.47 12.62
N TYR A 156 -2.04 5.50 12.86
CA TYR A 156 -3.11 5.20 11.92
C TYR A 156 -4.09 6.36 11.83
N LEU A 157 -4.38 7.00 12.96
CA LEU A 157 -5.35 8.10 13.02
C LEU A 157 -4.77 9.46 12.65
N ASN A 158 -3.45 9.49 12.38
CA ASN A 158 -2.68 10.75 12.08
C ASN A 158 -2.51 11.67 13.30
N LYS A 159 -2.50 11.08 14.49
CA LYS A 159 -2.54 11.81 15.76
C LYS A 159 -1.16 12.12 16.39
N LEU A 160 -0.08 11.59 15.81
CA LEU A 160 1.28 11.85 16.35
C LEU A 160 1.67 13.34 16.15
N SER A 161 2.59 13.84 16.98
CA SER A 161 3.09 15.21 16.79
C SER A 161 4.03 15.28 15.60
N ALA A 162 3.42 15.21 14.41
CA ALA A 162 4.10 15.22 13.13
C ALA A 162 3.05 15.56 12.06
N SER A 163 3.51 16.14 10.94
CA SER A 163 2.65 16.46 9.80
C SER A 163 1.92 15.23 9.26
N LYS A 164 0.68 15.41 8.80
CA LYS A 164 -0.12 14.29 8.30
C LYS A 164 0.63 13.57 7.16
N GLU A 165 1.19 14.38 6.26
CA GLU A 165 1.97 13.95 5.11
C GLU A 165 3.07 12.92 5.44
N ASN A 166 3.83 13.18 6.51
CA ASN A 166 4.93 12.29 6.89
C ASN A 166 4.46 10.96 7.45
N GLN A 167 3.38 10.99 8.22
CA GLN A 167 2.78 9.76 8.76
C GLN A 167 2.22 8.86 7.65
N LEU A 168 1.69 9.48 6.60
CA LEU A 168 1.22 8.73 5.44
C LEU A 168 2.37 8.03 4.71
N ILE A 169 3.49 8.74 4.54
CA ILE A 169 4.69 8.17 3.90
C ILE A 169 5.15 6.88 4.62
N VAL A 170 5.26 6.94 5.94
CA VAL A 170 5.66 5.77 6.73
C VAL A 170 4.57 4.67 6.73
N LYS A 171 3.29 5.08 6.76
CA LYS A 171 2.18 4.14 6.65
C LYS A 171 2.24 3.27 5.38
N GLU A 172 2.43 3.90 4.21
CA GLU A 172 2.61 3.14 2.97
C GLU A 172 3.88 2.26 3.04
N ALA A 173 4.95 2.81 3.60
CA ALA A 173 6.21 2.07 3.72
C ALA A 173 6.06 0.77 4.51
N LEU A 174 5.08 0.73 5.42
CA LEU A 174 4.90 -0.44 6.30
C LEU A 174 3.97 -1.54 5.75
N VAL A 175 3.42 -1.34 4.54
CA VAL A 175 2.52 -2.33 3.91
C VAL A 175 3.26 -3.67 3.63
N THR A 176 2.76 -4.78 4.20
CA THR A 176 3.41 -6.10 4.04
C THR A 176 2.55 -7.14 3.32
N GLU A 177 1.23 -7.01 3.43
CA GLU A 177 0.30 -7.88 2.68
C GLU A 177 -0.96 -7.13 2.21
N ALA A 178 -1.31 -7.31 0.93
CA ALA A 178 -2.45 -6.63 0.32
C ALA A 178 -3.42 -7.61 -0.33
N ALA A 179 -4.70 -7.43 -0.05
CA ALA A 179 -5.78 -8.22 -0.65
C ALA A 179 -6.97 -7.30 -0.96
N PRO A 180 -7.92 -7.76 -1.82
CA PRO A 180 -9.04 -6.88 -2.19
C PRO A 180 -9.93 -6.41 -1.02
N GLU A 181 -9.97 -7.19 0.06
CA GLU A 181 -10.79 -6.85 1.25
C GLU A 181 -10.04 -6.65 2.58
N TYR A 182 -8.71 -6.80 2.58
CA TYR A 182 -7.89 -6.45 3.78
C TYR A 182 -6.43 -6.02 3.45
N LEU A 183 -5.88 -5.20 4.35
CA LEU A 183 -4.55 -4.61 4.18
C LEU A 183 -3.76 -4.69 5.48
N VAL A 184 -2.52 -5.16 5.42
CA VAL A 184 -1.70 -5.33 6.63
C VAL A 184 -0.43 -4.44 6.65
N HIS A 185 -0.38 -3.56 7.65
CA HIS A 185 0.83 -2.81 7.98
C HIS A 185 1.52 -3.49 9.18
N SER A 186 2.82 -3.78 9.08
CA SER A 186 3.55 -4.53 10.14
C SER A 186 5.09 -4.38 10.10
N LYS A 187 5.74 -4.73 11.22
CA LYS A 187 7.22 -4.77 11.30
C LYS A 187 7.68 -5.82 12.30
N THR A 188 8.67 -6.63 11.88
CA THR A 188 9.32 -7.58 12.78
C THR A 188 10.50 -6.92 13.55
N GLY A 189 10.91 -7.56 14.65
CA GLY A 189 12.10 -7.19 15.44
C GLY A 189 12.77 -8.42 16.07
N PHE A 190 14.09 -8.39 16.22
CA PHE A 190 14.83 -9.52 16.81
C PHE A 190 16.19 -9.11 17.33
N SER A 191 16.38 -9.23 18.65
CA SER A 191 17.61 -8.74 19.33
C SER A 191 18.81 -9.70 19.25
N GLY A 192 18.57 -10.97 18.89
CA GLY A 192 19.64 -11.96 18.81
C GLY A 192 19.43 -13.10 19.77
N VAL A 193 20.10 -14.24 19.49
CA VAL A 193 20.03 -15.43 20.34
C VAL A 193 20.66 -15.11 21.69
N GLY A 194 20.02 -15.54 22.77
CA GLY A 194 20.53 -15.31 24.13
C GLY A 194 20.74 -16.59 24.94
N THR A 195 21.01 -16.42 26.23
CA THR A 195 21.15 -17.53 27.15
C THR A 195 19.77 -17.92 27.66
N GLU A 196 19.67 -19.13 28.18
CA GLU A 196 18.49 -19.59 28.92
C GLU A 196 18.12 -18.57 30.03
N SER A 197 19.14 -18.03 30.71
CA SER A 197 18.97 -17.00 31.75
C SER A 197 19.01 -15.53 31.25
N ASN A 198 19.59 -15.31 30.06
CA ASN A 198 19.64 -13.97 29.44
C ASN A 198 19.10 -13.97 28.01
N PRO A 199 17.78 -14.25 27.84
CA PRO A 199 17.22 -14.55 26.50
C PRO A 199 17.07 -13.32 25.62
N GLY A 200 17.08 -13.53 24.30
CA GLY A 200 16.78 -12.47 23.36
C GLY A 200 15.28 -12.26 23.26
N VAL A 201 14.87 -11.18 22.59
CA VAL A 201 13.47 -10.91 22.35
C VAL A 201 13.17 -10.87 20.85
N ALA A 202 12.03 -11.43 20.46
CA ALA A 202 11.53 -11.32 19.10
C ALA A 202 10.18 -10.59 19.08
N TRP A 203 10.01 -9.67 18.13
CA TRP A 203 8.78 -8.86 17.99
C TRP A 203 8.11 -9.09 16.64
N TRP A 204 6.77 -8.96 16.64
CA TRP A 204 6.02 -8.64 15.43
C TRP A 204 4.89 -7.73 15.86
N VAL A 205 4.89 -6.51 15.34
CA VAL A 205 3.83 -5.54 15.63
C VAL A 205 3.19 -5.05 14.32
N GLY A 206 1.96 -4.51 14.42
CA GLY A 206 1.26 -3.94 13.27
C GLY A 206 -0.23 -3.68 13.46
N TRP A 207 -0.93 -3.43 12.35
CA TRP A 207 -2.40 -3.37 12.34
C TRP A 207 -3.02 -3.88 11.04
N VAL A 208 -4.27 -4.35 11.14
CA VAL A 208 -5.07 -4.82 9.97
C VAL A 208 -6.33 -3.96 9.74
N GLU A 209 -6.53 -3.56 8.49
CA GLU A 209 -7.77 -2.93 8.06
C GLU A 209 -8.59 -3.99 7.33
N LYS A 210 -9.78 -4.30 7.84
CA LYS A 210 -10.69 -5.25 7.19
C LYS A 210 -12.13 -4.74 7.26
N GLU A 211 -12.79 -4.73 6.10
CA GLU A 211 -14.13 -4.12 5.97
C GLU A 211 -14.05 -2.64 6.38
N THR A 212 -14.97 -2.19 7.23
CA THR A 212 -14.86 -0.85 7.82
C THR A 212 -14.36 -0.94 9.27
N GLU A 213 -13.46 -1.89 9.51
CA GLU A 213 -12.97 -2.20 10.85
C GLU A 213 -11.43 -2.18 10.89
N VAL A 214 -10.85 -1.95 12.06
CA VAL A 214 -9.40 -1.88 12.19
C VAL A 214 -8.89 -2.62 13.44
N TYR A 215 -7.88 -3.48 13.27
CA TYR A 215 -7.39 -4.35 14.35
C TYR A 215 -5.91 -4.13 14.65
N PHE A 216 -5.61 -3.67 15.86
CA PHE A 216 -4.22 -3.45 16.28
C PHE A 216 -3.65 -4.67 17.02
N PHE A 217 -2.40 -5.04 16.68
CA PHE A 217 -1.73 -6.21 17.29
C PHE A 217 -0.24 -5.99 17.60
N ALA A 218 0.23 -6.67 18.64
CA ALA A 218 1.64 -6.60 19.05
C ALA A 218 2.01 -7.92 19.77
N PHE A 219 3.08 -8.57 19.32
CA PHE A 219 3.54 -9.87 19.88
C PHE A 219 5.02 -9.83 20.21
N ASN A 220 5.38 -10.34 21.39
CA ASN A 220 6.79 -10.59 21.73
C ASN A 220 7.01 -11.95 22.42
N MET A 221 8.25 -12.43 22.38
CA MET A 221 8.63 -13.73 22.97
C MET A 221 10.11 -13.77 23.30
N ASP A 222 10.48 -14.58 24.28
CA ASP A 222 11.89 -14.79 24.59
C ASP A 222 12.46 -15.77 23.58
N ILE A 223 13.73 -15.62 23.24
CA ILE A 223 14.37 -16.55 22.29
C ILE A 223 15.84 -16.92 22.63
N ASP A 224 16.02 -18.17 23.07
CA ASP A 224 17.34 -18.72 23.39
C ASP A 224 17.76 -19.81 22.42
N ASN A 225 16.88 -20.07 21.43
CA ASN A 225 17.16 -21.01 20.34
C ASN A 225 16.67 -20.45 19.01
N GLU A 226 17.60 -20.27 18.07
CA GLU A 226 17.33 -19.50 16.84
C GLU A 226 16.22 -20.07 15.96
N SER A 227 16.03 -21.38 16.00
CA SER A 227 15.08 -22.03 15.11
C SER A 227 13.62 -21.81 15.53
N LYS A 228 13.41 -21.28 16.74
CA LYS A 228 12.07 -20.98 17.24
C LYS A 228 11.53 -19.62 16.73
N LEU A 229 12.29 -18.98 15.83
CA LEU A 229 11.98 -17.63 15.33
C LEU A 229 10.67 -17.49 14.49
N PRO A 230 10.38 -18.47 13.57
CA PRO A 230 9.13 -18.38 12.77
C PRO A 230 7.83 -18.27 13.60
N LEU A 231 7.92 -18.62 14.88
CA LEU A 231 6.75 -18.63 15.76
C LEU A 231 6.29 -17.23 16.15
N ARG A 232 7.11 -16.22 15.83
CA ARG A 232 6.73 -14.84 16.05
C ARG A 232 5.65 -14.41 15.06
N LYS A 233 5.45 -15.21 14.02
CA LYS A 233 4.43 -14.95 13.00
C LYS A 233 3.30 -16.00 12.99
N SER A 234 3.66 -17.29 13.08
CA SER A 234 2.66 -18.35 13.01
C SER A 234 1.65 -18.30 14.17
N ILE A 235 2.11 -17.97 15.37
CA ILE A 235 1.24 -17.91 16.54
C ILE A 235 0.22 -16.74 16.47
N PRO A 236 0.68 -15.49 16.21
CA PRO A 236 -0.26 -14.37 16.02
C PRO A 236 -1.24 -14.58 14.86
N THR A 237 -0.77 -15.25 13.80
CA THR A 237 -1.60 -15.54 12.62
C THR A 237 -2.70 -16.59 12.91
N LYS A 238 -2.32 -17.69 13.56
CA LYS A 238 -3.30 -18.68 14.04
C LYS A 238 -4.43 -17.97 14.79
N ILE A 239 -4.07 -17.03 15.67
CA ILE A 239 -5.05 -16.30 16.45
C ILE A 239 -5.92 -15.39 15.58
N MET A 240 -5.29 -14.49 14.83
CA MET A 240 -6.02 -13.48 14.05
C MET A 240 -6.96 -14.10 12.99
N GLU A 241 -6.55 -15.22 12.39
CA GLU A 241 -7.41 -15.97 11.48
C GLU A 241 -8.62 -16.58 12.20
N SER A 242 -8.42 -17.06 13.43
CA SER A 242 -9.50 -17.65 14.25
C SER A 242 -10.56 -16.61 14.63
N GLU A 243 -10.15 -15.35 14.69
CA GLU A 243 -11.05 -14.24 14.99
C GLU A 243 -11.75 -13.72 13.74
N GLY A 244 -11.30 -14.21 12.57
CA GLY A 244 -11.86 -13.82 11.28
C GLY A 244 -11.28 -12.53 10.73
N ILE A 245 -10.14 -12.10 11.31
CA ILE A 245 -9.47 -10.85 10.92
C ILE A 245 -8.74 -11.03 9.58
N ILE A 246 -8.02 -12.14 9.42
CA ILE A 246 -7.33 -12.45 8.16
C ILE A 246 -7.56 -13.91 7.76
N MET B 1 6.40 10.59 -22.38
CA MET B 1 7.52 10.71 -21.40
C MET B 1 8.80 11.23 -22.06
N GLY B 2 9.67 10.31 -22.46
CA GLY B 2 10.97 10.64 -23.04
C GLY B 2 11.21 9.97 -24.38
N SER B 3 11.16 8.64 -24.39
CA SER B 3 11.32 7.86 -25.63
C SER B 3 10.52 6.56 -25.64
N ILE B 4 10.19 6.08 -26.84
CA ILE B 4 9.43 4.86 -27.00
C ILE B 4 10.00 4.02 -28.16
N THR B 5 9.98 2.70 -27.98
CA THR B 5 10.45 1.76 -29.01
C THR B 5 9.49 0.57 -29.13
N GLU B 6 9.26 0.13 -30.36
CA GLU B 6 8.42 -1.03 -30.65
C GLU B 6 9.18 -2.35 -30.44
N ASN B 7 8.65 -3.21 -29.57
CA ASN B 7 9.21 -4.53 -29.24
C ASN B 7 8.20 -5.62 -29.61
N THR B 8 8.33 -6.18 -30.81
CA THR B 8 7.30 -7.09 -31.35
C THR B 8 7.33 -8.53 -30.80
N SER B 9 8.34 -8.87 -29.99
CA SER B 9 8.43 -10.21 -29.38
C SER B 9 7.40 -10.44 -28.27
N TRP B 10 6.71 -9.38 -27.85
CA TRP B 10 5.64 -9.50 -26.86
C TRP B 10 4.33 -9.97 -27.49
N ASN B 11 4.25 -9.87 -28.83
CA ASN B 11 3.06 -10.27 -29.57
C ASN B 11 2.72 -11.75 -29.44
N LYS B 12 3.72 -12.56 -29.08
CA LYS B 12 3.52 -13.98 -28.81
C LYS B 12 2.37 -14.24 -27.84
N GLU B 13 2.41 -13.58 -26.67
CA GLU B 13 1.37 -13.73 -25.64
C GLU B 13 0.02 -13.25 -26.16
N PHE B 14 0.05 -12.23 -27.02
CA PHE B 14 -1.16 -11.70 -27.64
C PHE B 14 -1.82 -12.68 -28.62
N SER B 15 -1.04 -13.19 -29.59
CA SER B 15 -1.53 -14.16 -30.57
C SER B 15 -2.06 -15.44 -29.91
N ALA B 16 -1.35 -15.89 -28.87
CA ALA B 16 -1.70 -17.10 -28.13
C ALA B 16 -3.14 -17.09 -27.64
N GLU B 17 -3.55 -15.98 -27.02
CA GLU B 17 -4.88 -15.87 -26.43
C GLU B 17 -5.90 -15.20 -27.37
N ALA B 18 -5.51 -15.03 -28.64
CA ALA B 18 -6.35 -14.36 -29.66
C ALA B 18 -6.82 -12.97 -29.23
N VAL B 19 -5.89 -12.18 -28.67
CA VAL B 19 -6.21 -10.88 -28.10
C VAL B 19 -5.77 -9.73 -29.02
N ASN B 20 -6.69 -8.79 -29.25
CA ASN B 20 -6.38 -7.58 -29.97
C ASN B 20 -6.23 -6.44 -28.98
N GLY B 21 -5.00 -6.13 -28.60
CA GLY B 21 -4.73 -5.10 -27.60
C GLY B 21 -3.31 -4.54 -27.58
N VAL B 22 -2.97 -3.84 -26.49
CA VAL B 22 -1.66 -3.16 -26.39
C VAL B 22 -1.11 -3.16 -24.97
N PHE B 23 0.23 -3.18 -24.86
CA PHE B 23 0.89 -3.07 -23.57
C PHE B 23 1.98 -2.04 -23.69
N VAL B 24 2.02 -1.12 -22.72
CA VAL B 24 3.07 -0.08 -22.65
C VAL B 24 3.80 -0.18 -21.31
N LEU B 25 5.11 -0.39 -21.38
CA LEU B 25 5.92 -0.49 -20.18
C LEU B 25 7.01 0.59 -20.19
N CYS B 26 7.09 1.39 -19.12
CA CYS B 26 8.10 2.44 -19.01
C CYS B 26 8.99 2.33 -17.77
N LYS B 27 10.27 2.62 -17.96
CA LYS B 27 11.30 2.58 -16.89
C LYS B 27 11.66 4.00 -16.45
N SER B 28 11.34 4.33 -15.19
CA SER B 28 11.41 5.72 -14.69
C SER B 28 12.79 6.38 -14.73
N SER B 29 13.81 5.69 -14.22
CA SER B 29 15.17 6.23 -14.19
C SER B 29 15.60 6.74 -15.56
N SER B 30 15.33 5.98 -16.62
CA SER B 30 15.79 6.36 -17.98
C SER B 30 14.71 7.05 -18.84
N LYS B 31 13.57 7.37 -18.23
CA LYS B 31 12.45 8.01 -18.94
C LYS B 31 12.08 7.36 -20.29
N SER B 32 12.14 6.03 -20.39
CA SER B 32 11.91 5.38 -21.69
C SER B 32 10.97 4.18 -21.65
N CYS B 33 10.22 3.99 -22.75
CA CYS B 33 9.15 3.01 -22.83
C CYS B 33 9.35 1.97 -23.92
N ALA B 34 8.68 0.83 -23.74
CA ALA B 34 8.58 -0.20 -24.77
C ALA B 34 7.13 -0.61 -24.93
N THR B 35 6.73 -0.87 -26.18
CA THR B 35 5.38 -1.32 -26.50
C THR B 35 5.37 -2.31 -27.66
N ASN B 36 4.33 -3.14 -27.73
CA ASN B 36 4.19 -4.14 -28.81
C ASN B 36 3.50 -3.59 -30.07
N ASP B 37 2.79 -2.48 -29.92
CA ASP B 37 2.10 -1.83 -31.03
C ASP B 37 2.10 -0.31 -30.86
N LEU B 38 3.03 0.37 -31.54
CA LEU B 38 3.14 1.83 -31.50
C LEU B 38 1.82 2.57 -31.78
N ALA B 39 1.03 2.04 -32.72
CA ALA B 39 -0.21 2.69 -33.16
C ALA B 39 -1.31 2.65 -32.10
N ARG B 40 -1.60 1.47 -31.53
CA ARG B 40 -2.64 1.34 -30.49
C ARG B 40 -2.21 2.04 -29.19
N ALA B 41 -0.89 2.15 -28.99
CA ALA B 41 -0.35 2.85 -27.82
C ALA B 41 -0.79 4.31 -27.82
N SER B 42 -1.05 4.86 -29.01
CA SER B 42 -1.50 6.25 -29.16
C SER B 42 -3.04 6.42 -29.27
N LYS B 43 -3.75 5.34 -29.62
CA LYS B 43 -5.21 5.36 -29.76
C LYS B 43 -5.93 5.60 -28.43
N GLU B 44 -6.94 6.47 -28.47
CA GLU B 44 -7.76 6.80 -27.30
C GLU B 44 -9.01 5.90 -27.17
N TYR B 45 -9.24 5.38 -25.96
CA TYR B 45 -10.42 4.55 -25.65
C TYR B 45 -11.15 5.14 -24.44
N LEU B 46 -12.34 4.61 -24.15
CA LEU B 46 -13.05 4.96 -22.93
C LEU B 46 -12.20 4.55 -21.72
N PRO B 47 -12.05 5.47 -20.73
CA PRO B 47 -11.26 5.16 -19.54
C PRO B 47 -11.90 4.09 -18.63
N ALA B 48 -13.24 4.03 -18.65
CA ALA B 48 -14.02 3.14 -17.76
C ALA B 48 -13.63 3.29 -16.27
N SER B 49 -13.40 2.17 -15.57
CA SER B 49 -13.15 2.21 -14.12
C SER B 49 -11.75 2.68 -13.71
N THR B 50 -10.91 3.03 -14.70
CA THR B 50 -9.61 3.66 -14.42
C THR B 50 -9.79 5.15 -14.09
N PHE B 51 -10.95 5.70 -14.46
CA PHE B 51 -11.32 7.08 -14.13
C PHE B 51 -11.53 7.29 -12.63
N LYS B 52 -11.75 6.21 -11.89
CA LYS B 52 -11.82 6.27 -10.43
C LYS B 52 -10.56 6.90 -9.81
N ILE B 53 -9.42 6.78 -10.52
CA ILE B 53 -8.17 7.39 -10.07
C ILE B 53 -8.25 8.95 -10.05
N PRO B 54 -8.45 9.61 -11.23
CA PRO B 54 -8.61 11.07 -11.13
C PRO B 54 -9.83 11.47 -10.31
N ASN B 55 -10.93 10.72 -10.47
CA ASN B 55 -12.17 10.97 -9.74
C ASN B 55 -11.98 10.97 -8.23
N ALA B 56 -11.16 10.06 -7.72
CA ALA B 56 -10.86 9.99 -6.30
C ALA B 56 -10.03 11.21 -5.83
N ILE B 57 -9.05 11.62 -6.64
CA ILE B 57 -8.19 12.77 -6.31
C ILE B 57 -9.00 14.08 -6.21
N ILE B 58 -9.83 14.33 -7.23
CA ILE B 58 -10.72 15.48 -7.25
C ILE B 58 -11.76 15.40 -6.12
N GLY B 59 -12.25 14.19 -5.87
CA GLY B 59 -13.22 13.95 -4.78
C GLY B 59 -12.73 14.50 -3.45
N LEU B 60 -11.42 14.37 -3.22
CA LEU B 60 -10.77 14.86 -2.01
C LEU B 60 -10.42 16.35 -2.06
N GLU B 61 -9.89 16.79 -3.21
CA GLU B 61 -9.36 18.17 -3.36
C GLU B 61 -10.45 19.25 -3.20
N THR B 62 -11.71 18.84 -3.30
CA THR B 62 -12.85 19.76 -3.25
C THR B 62 -13.71 19.58 -1.99
N GLY B 63 -13.29 18.71 -1.09
CA GLY B 63 -13.99 18.52 0.19
C GLY B 63 -15.11 17.50 0.18
N VAL B 64 -15.56 17.11 -1.02
CA VAL B 64 -16.64 16.13 -1.17
C VAL B 64 -16.32 14.85 -0.38
N ILE B 65 -15.13 14.28 -0.61
CA ILE B 65 -14.61 13.23 0.25
C ILE B 65 -13.87 13.91 1.40
N LYS B 66 -14.34 13.69 2.63
CA LYS B 66 -13.80 14.42 3.79
C LYS B 66 -12.33 14.11 4.08
N ASN B 67 -12.01 12.83 4.21
CA ASN B 67 -10.62 12.35 4.40
C ASN B 67 -10.47 10.88 4.04
N GLU B 68 -9.37 10.27 4.44
CA GLU B 68 -9.09 8.88 4.09
C GLU B 68 -9.88 7.88 4.93
N HIS B 69 -10.47 8.36 6.03
CA HIS B 69 -11.19 7.48 6.95
C HIS B 69 -12.72 7.51 6.80
N GLN B 70 -13.22 8.09 5.70
CA GLN B 70 -14.67 8.18 5.47
C GLN B 70 -15.27 6.86 5.02
N VAL B 71 -16.45 6.54 5.56
CA VAL B 71 -17.19 5.32 5.24
C VAL B 71 -18.40 5.66 4.35
N PHE B 72 -18.52 4.95 3.22
CA PHE B 72 -19.63 5.14 2.29
C PHE B 72 -20.74 4.13 2.58
N LYS B 73 -21.80 4.62 3.24
CA LYS B 73 -22.86 3.78 3.81
C LYS B 73 -23.79 3.18 2.76
N TRP B 74 -24.02 1.87 2.85
CA TRP B 74 -24.97 1.16 1.99
C TRP B 74 -26.39 1.38 2.53
N ASP B 75 -27.37 1.54 1.63
CA ASP B 75 -28.76 1.81 2.05
C ASP B 75 -29.60 0.55 2.26
N GLY B 76 -29.00 -0.62 2.05
CA GLY B 76 -29.71 -1.88 2.23
C GLY B 76 -30.50 -2.30 1.00
N LYS B 77 -30.50 -1.44 -0.01
CA LYS B 77 -31.22 -1.69 -1.26
C LYS B 77 -30.28 -2.36 -2.26
N PRO B 78 -30.81 -3.34 -3.04
CA PRO B 78 -30.00 -4.07 -4.03
C PRO B 78 -29.22 -3.18 -5.01
N ARG B 79 -28.00 -3.60 -5.31
CA ARG B 79 -27.13 -2.90 -6.25
C ARG B 79 -26.77 -3.84 -7.41
N ALA B 80 -26.18 -3.27 -8.46
CA ALA B 80 -25.90 -4.04 -9.70
C ALA B 80 -24.97 -5.25 -9.51
N MET B 81 -24.09 -5.18 -8.52
CA MET B 81 -23.20 -6.30 -8.16
C MET B 81 -23.29 -6.62 -6.68
N LYS B 82 -23.33 -7.92 -6.36
CA LYS B 82 -23.38 -8.39 -4.98
C LYS B 82 -22.23 -7.81 -4.15
N GLN B 83 -21.04 -7.79 -4.76
CA GLN B 83 -19.83 -7.25 -4.12
C GLN B 83 -20.05 -5.88 -3.50
N TRP B 84 -20.94 -5.09 -4.10
CA TRP B 84 -21.14 -3.67 -3.72
C TRP B 84 -22.12 -3.43 -2.56
N GLU B 85 -22.77 -4.49 -2.06
CA GLU B 85 -23.84 -4.34 -1.06
C GLU B 85 -23.35 -4.28 0.40
N ARG B 86 -22.51 -3.27 0.69
CA ARG B 86 -21.92 -3.06 2.02
C ARG B 86 -21.36 -1.65 2.18
N ASP B 87 -21.02 -1.29 3.43
CA ASP B 87 -20.30 -0.05 3.73
C ASP B 87 -18.87 -0.21 3.29
N LEU B 88 -18.36 0.80 2.59
CA LEU B 88 -17.01 0.74 2.04
C LEU B 88 -16.16 1.91 2.49
N THR B 89 -14.86 1.65 2.65
CA THR B 89 -13.88 2.72 2.81
C THR B 89 -13.50 3.24 1.43
N LEU B 90 -12.58 4.20 1.36
CA LEU B 90 -12.12 4.71 0.08
C LEU B 90 -11.44 3.59 -0.72
N ARG B 91 -10.47 2.91 -0.09
CA ARG B 91 -9.82 1.74 -0.68
C ARG B 91 -10.83 0.62 -1.02
N GLY B 92 -11.77 0.38 -0.10
CA GLY B 92 -12.85 -0.59 -0.33
C GLY B 92 -13.61 -0.32 -1.62
N ALA B 93 -14.16 0.90 -1.73
CA ALA B 93 -14.91 1.33 -2.91
C ALA B 93 -14.12 1.23 -4.22
N ILE B 94 -12.82 1.52 -4.15
CA ILE B 94 -11.94 1.41 -5.31
C ILE B 94 -11.64 -0.06 -5.67
N GLN B 95 -11.39 -0.88 -4.66
CA GLN B 95 -11.00 -2.28 -4.89
C GLN B 95 -12.11 -3.12 -5.52
N VAL B 96 -13.34 -2.97 -5.01
CA VAL B 96 -14.48 -3.68 -5.62
C VAL B 96 -15.10 -2.87 -6.76
N SER B 97 -14.57 -1.66 -6.98
CA SER B 97 -14.97 -0.79 -8.09
C SER B 97 -16.47 -0.48 -8.02
N ALA B 98 -16.88 0.18 -6.93
CA ALA B 98 -18.29 0.41 -6.66
C ALA B 98 -18.82 1.64 -7.40
N VAL B 99 -19.37 1.41 -8.60
CA VAL B 99 -19.80 2.47 -9.50
C VAL B 99 -20.74 3.51 -8.86
N PRO B 100 -21.90 3.07 -8.26
CA PRO B 100 -22.82 4.08 -7.70
C PRO B 100 -22.17 5.03 -6.68
N VAL B 101 -21.17 4.55 -5.93
CA VAL B 101 -20.48 5.39 -4.95
C VAL B 101 -19.72 6.55 -5.62
N PHE B 102 -18.97 6.25 -6.68
CA PHE B 102 -18.19 7.26 -7.39
C PHE B 102 -19.05 8.17 -8.28
N GLN B 103 -20.21 7.66 -8.68
CA GLN B 103 -21.18 8.47 -9.43
C GLN B 103 -21.78 9.55 -8.55
N GLN B 104 -22.04 9.19 -7.29
CA GLN B 104 -22.52 10.15 -6.31
C GLN B 104 -21.42 11.18 -6.04
N ILE B 105 -20.19 10.69 -5.88
CA ILE B 105 -19.01 11.54 -5.75
C ILE B 105 -18.92 12.52 -6.92
N ALA B 106 -19.04 11.99 -8.14
CA ALA B 106 -19.02 12.81 -9.35
C ALA B 106 -20.14 13.85 -9.34
N ARG B 107 -21.35 13.45 -8.94
CA ARG B 107 -22.49 14.37 -8.85
C ARG B 107 -22.21 15.59 -7.97
N GLU B 108 -21.63 15.32 -6.80
CA GLU B 108 -21.36 16.37 -5.80
C GLU B 108 -20.24 17.33 -6.24
N VAL B 109 -19.28 16.82 -7.00
CA VAL B 109 -18.20 17.65 -7.56
C VAL B 109 -18.76 18.70 -8.53
N GLY B 110 -19.62 18.26 -9.43
CA GLY B 110 -20.26 19.16 -10.38
C GLY B 110 -19.58 19.23 -11.73
N GLU B 111 -20.34 19.66 -12.71
CA GLU B 111 -19.91 19.74 -14.11
C GLU B 111 -18.66 20.61 -14.31
N VAL B 112 -18.67 21.79 -13.71
CA VAL B 112 -17.62 22.81 -13.94
C VAL B 112 -16.31 22.49 -13.22
N ARG B 113 -16.41 21.99 -11.99
CA ARG B 113 -15.24 21.60 -11.20
C ARG B 113 -14.54 20.36 -11.77
N MET B 114 -15.33 19.40 -12.23
CA MET B 114 -14.81 18.18 -12.85
C MET B 114 -14.03 18.49 -14.13
N GLN B 115 -14.49 19.50 -14.87
CA GLN B 115 -13.85 19.94 -16.11
C GLN B 115 -12.50 20.59 -15.83
N LYS B 116 -12.52 21.57 -14.91
CA LYS B 116 -11.36 22.36 -14.54
C LYS B 116 -10.18 21.48 -14.13
N TYR B 117 -10.47 20.41 -13.39
CA TYR B 117 -9.43 19.52 -12.89
C TYR B 117 -8.84 18.59 -13.96
N LEU B 118 -9.69 18.03 -14.83
CA LEU B 118 -9.20 17.17 -15.93
C LEU B 118 -8.30 17.96 -16.89
N LYS B 119 -8.57 19.27 -16.99
CA LYS B 119 -7.73 20.20 -17.75
C LYS B 119 -6.32 20.27 -17.15
N LYS B 120 -6.25 20.54 -15.84
CA LYS B 120 -4.98 20.63 -15.11
C LYS B 120 -4.25 19.29 -15.02
N PHE B 121 -5.00 18.18 -15.02
CA PHE B 121 -4.39 16.85 -14.97
C PHE B 121 -3.92 16.37 -16.35
N SER B 122 -4.33 17.08 -17.42
CA SER B 122 -4.09 16.66 -18.82
C SER B 122 -4.67 15.28 -19.10
N TYR B 123 -5.89 15.04 -18.61
CA TYR B 123 -6.51 13.72 -18.67
C TYR B 123 -7.31 13.50 -19.97
N GLY B 124 -6.70 12.81 -20.92
CA GLY B 124 -7.38 12.39 -22.15
C GLY B 124 -7.76 13.54 -23.08
N ASN B 125 -8.85 13.36 -23.82
CA ASN B 125 -9.36 14.37 -24.75
C ASN B 125 -10.24 15.43 -24.08
N GLN B 126 -10.47 15.24 -22.78
CA GLN B 126 -11.21 16.19 -21.92
C GLN B 126 -12.63 16.54 -22.42
N ASN B 127 -13.58 15.66 -22.09
CA ASN B 127 -14.99 15.84 -22.45
C ASN B 127 -15.89 15.02 -21.50
N ILE B 128 -17.03 15.61 -21.12
CA ILE B 128 -17.91 15.00 -20.11
C ILE B 128 -19.40 14.91 -20.56
N SER B 129 -19.62 14.50 -21.80
CA SER B 129 -20.97 14.50 -22.43
C SER B 129 -21.88 13.33 -22.00
N GLY B 130 -23.20 13.54 -22.13
CA GLY B 130 -24.20 12.53 -21.81
C GLY B 130 -24.83 12.71 -20.43
N GLY B 131 -24.05 13.26 -19.50
CA GLY B 131 -24.45 13.43 -18.11
C GLY B 131 -23.22 13.42 -17.23
N ILE B 132 -23.38 13.86 -15.98
CA ILE B 132 -22.24 13.95 -15.04
C ILE B 132 -21.95 12.62 -14.31
N ASP B 133 -22.55 11.54 -14.81
CA ASP B 133 -22.33 10.19 -14.27
C ASP B 133 -22.37 9.12 -15.39
N LYS B 134 -22.01 9.54 -16.60
CA LYS B 134 -22.06 8.69 -17.79
C LYS B 134 -20.77 8.66 -18.62
N PHE B 135 -20.04 9.79 -18.64
CA PHE B 135 -18.90 10.01 -19.57
C PHE B 135 -17.75 8.98 -19.56
N ALA B 136 -17.33 8.55 -18.37
CA ALA B 136 -16.23 7.60 -18.20
C ALA B 136 -16.58 6.21 -18.71
N LEU B 137 -17.78 5.73 -18.37
CA LEU B 137 -18.21 4.36 -18.63
C LEU B 137 -18.71 4.12 -20.06
N GLU B 138 -19.41 5.11 -20.61
CA GLU B 138 -20.09 4.98 -21.93
C GLU B 138 -20.47 6.36 -22.55
N GLY B 139 -19.56 7.33 -22.45
CA GLY B 139 -19.85 8.73 -22.85
C GLY B 139 -19.05 9.28 -24.01
N GLN B 140 -18.22 10.30 -23.73
CA GLN B 140 -17.41 10.98 -24.78
C GLN B 140 -15.97 11.37 -24.34
N LEU B 141 -15.54 10.86 -23.18
CA LEU B 141 -14.15 11.01 -22.72
C LEU B 141 -13.30 9.81 -23.18
N ARG B 142 -12.10 10.09 -23.69
CA ARG B 142 -11.20 9.05 -24.18
C ARG B 142 -9.74 9.33 -23.81
N ILE B 143 -8.96 8.26 -23.61
CA ILE B 143 -7.56 8.36 -23.19
C ILE B 143 -6.74 7.19 -23.77
N SER B 144 -5.45 7.44 -24.03
CA SER B 144 -4.55 6.43 -24.61
C SER B 144 -3.64 5.78 -23.56
N ALA B 145 -3.06 4.63 -23.92
CA ALA B 145 -2.08 3.94 -23.07
C ALA B 145 -0.90 4.84 -22.68
N VAL B 146 -0.41 5.62 -23.64
CA VAL B 146 0.67 6.58 -23.41
C VAL B 146 0.26 7.66 -22.40
N ASN B 147 -0.97 8.17 -22.54
CA ASN B 147 -1.49 9.21 -21.65
C ASN B 147 -1.66 8.69 -20.21
N GLN B 148 -2.01 7.42 -20.07
CA GLN B 148 -2.24 6.82 -18.77
C GLN B 148 -0.93 6.76 -17.96
N VAL B 149 0.17 6.40 -18.61
CA VAL B 149 1.46 6.31 -17.93
C VAL B 149 1.98 7.70 -17.54
N GLU B 150 1.65 8.71 -18.36
CA GLU B 150 2.06 10.08 -18.06
C GLU B 150 1.30 10.61 -16.87
N PHE B 151 0.00 10.37 -16.85
CA PHE B 151 -0.85 10.72 -15.73
C PHE B 151 -0.38 10.02 -14.45
N LEU B 152 -0.19 8.69 -14.52
CA LEU B 152 0.21 7.91 -13.35
C LEU B 152 1.59 8.30 -12.79
N GLU B 153 2.53 8.64 -13.67
CA GLU B 153 3.87 9.09 -13.24
C GLU B 153 3.83 10.42 -12.45
N SER B 154 2.97 11.35 -12.91
CA SER B 154 2.75 12.62 -12.23
C SER B 154 2.27 12.40 -10.82
N LEU B 155 1.26 11.53 -10.69
CA LEU B 155 0.70 11.13 -9.39
C LEU B 155 1.77 10.54 -8.47
N TYR B 156 2.54 9.57 -8.98
CA TYR B 156 3.67 8.99 -8.22
C TYR B 156 4.63 10.05 -7.69
N LEU B 157 5.04 10.97 -8.56
CA LEU B 157 5.96 12.06 -8.19
C LEU B 157 5.28 13.23 -7.47
N ASN B 158 4.00 13.07 -7.12
CA ASN B 158 3.21 14.12 -6.46
C ASN B 158 3.11 15.43 -7.26
N LYS B 159 3.13 15.34 -8.59
CA LYS B 159 3.22 16.53 -9.44
C LYS B 159 1.88 17.07 -9.97
N LEU B 160 0.79 16.32 -9.76
CA LEU B 160 -0.56 16.77 -10.15
C LEU B 160 -1.03 18.00 -9.35
N SER B 161 -2.01 18.72 -9.90
CA SER B 161 -2.54 19.93 -9.25
C SER B 161 -3.47 19.64 -8.07
N ALA B 162 -2.94 18.97 -7.05
CA ALA B 162 -3.64 18.70 -5.79
C ALA B 162 -2.61 18.66 -4.65
N SER B 163 -3.09 18.60 -3.40
CA SER B 163 -2.16 18.50 -2.24
C SER B 163 -1.39 17.17 -2.25
N LYS B 164 -0.18 17.20 -1.70
CA LYS B 164 0.65 16.01 -1.58
C LYS B 164 -0.12 14.97 -0.75
N GLU B 165 -0.69 15.45 0.36
CA GLU B 165 -1.54 14.67 1.26
C GLU B 165 -2.61 13.87 0.51
N ASN B 166 -3.36 14.54 -0.36
CA ASN B 166 -4.41 13.87 -1.12
C ASN B 166 -3.88 12.87 -2.13
N GLN B 167 -2.76 13.22 -2.76
CA GLN B 167 -2.10 12.32 -3.70
C GLN B 167 -1.54 11.06 -3.01
N LEU B 168 -1.09 11.22 -1.77
CA LEU B 168 -0.65 10.09 -0.96
C LEU B 168 -1.79 9.14 -0.58
N ILE B 169 -2.94 9.70 -0.18
CA ILE B 169 -4.13 8.92 0.19
C ILE B 169 -4.54 7.95 -0.93
N VAL B 170 -4.71 8.49 -2.14
CA VAL B 170 -5.09 7.71 -3.32
C VAL B 170 -4.03 6.64 -3.67
N LYS B 171 -2.75 7.02 -3.51
CA LYS B 171 -1.63 6.11 -3.73
C LYS B 171 -1.66 4.85 -2.83
N GLU B 172 -1.99 5.02 -1.55
CA GLU B 172 -2.17 3.88 -0.64
C GLU B 172 -3.38 3.04 -1.02
N ALA B 173 -4.47 3.72 -1.40
CA ALA B 173 -5.71 3.05 -1.79
C ALA B 173 -5.56 2.21 -3.06
N LEU B 174 -4.48 2.45 -3.81
CA LEU B 174 -4.24 1.72 -5.07
C LEU B 174 -3.28 0.51 -4.95
N VAL B 175 -2.71 0.28 -3.75
CA VAL B 175 -1.84 -0.88 -3.51
C VAL B 175 -2.65 -2.15 -3.76
N THR B 176 -2.12 -3.05 -4.57
CA THR B 176 -2.81 -4.34 -4.81
C THR B 176 -1.96 -5.58 -4.49
N GLU B 177 -0.64 -5.48 -4.67
CA GLU B 177 0.26 -6.58 -4.27
C GLU B 177 1.50 -6.06 -3.52
N ALA B 178 1.93 -6.85 -2.53
CA ALA B 178 3.01 -6.47 -1.63
C ALA B 178 3.91 -7.65 -1.32
N ALA B 179 5.17 -7.52 -1.72
CA ALA B 179 6.23 -8.49 -1.37
C ALA B 179 7.37 -7.71 -0.71
N PRO B 180 8.36 -8.42 -0.10
CA PRO B 180 9.50 -7.70 0.47
C PRO B 180 10.33 -6.93 -0.58
N GLU B 181 10.41 -7.45 -1.81
CA GLU B 181 11.25 -6.86 -2.86
C GLU B 181 10.54 -5.86 -3.79
N TYR B 182 9.21 -5.91 -3.85
CA TYR B 182 8.40 -5.01 -4.71
C TYR B 182 6.99 -4.71 -4.17
N LEU B 183 6.39 -3.64 -4.69
CA LEU B 183 5.04 -3.20 -4.32
C LEU B 183 4.30 -2.71 -5.56
N VAL B 184 3.05 -3.16 -5.73
CA VAL B 184 2.27 -2.88 -6.95
C VAL B 184 1.04 -2.04 -6.66
N HIS B 185 0.90 -0.93 -7.37
CA HIS B 185 -0.32 -0.12 -7.37
C HIS B 185 -1.01 -0.31 -8.72
N SER B 186 -2.34 -0.52 -8.73
CA SER B 186 -3.05 -0.76 -9.99
C SER B 186 -4.56 -0.55 -9.93
N LYS B 187 -5.18 -0.43 -11.10
CA LYS B 187 -6.64 -0.39 -11.21
C LYS B 187 -7.11 -1.03 -12.52
N THR B 188 -8.23 -1.76 -12.45
CA THR B 188 -8.86 -2.38 -13.61
C THR B 188 -9.99 -1.53 -14.18
N GLY B 189 -10.35 -1.80 -15.44
CA GLY B 189 -11.48 -1.16 -16.10
C GLY B 189 -12.14 -2.11 -17.08
N PHE B 190 -13.44 -1.91 -17.32
CA PHE B 190 -14.22 -2.71 -18.28
C PHE B 190 -15.55 -2.04 -18.67
N SER B 191 -15.66 -1.63 -19.94
CA SER B 191 -16.83 -0.88 -20.42
C SER B 191 -18.09 -1.73 -20.63
N GLY B 192 -17.89 -2.93 -21.15
CA GLY B 192 -19.00 -3.80 -21.54
C GLY B 192 -18.64 -4.64 -22.75
N VAL B 193 -19.59 -5.48 -23.16
CA VAL B 193 -19.36 -6.37 -24.30
C VAL B 193 -19.52 -5.66 -25.65
N GLY B 194 -20.06 -4.43 -25.62
CA GLY B 194 -20.42 -3.71 -26.84
C GLY B 194 -21.24 -4.62 -27.75
N THR B 195 -20.77 -4.79 -28.98
CA THR B 195 -21.34 -5.78 -29.92
C THR B 195 -20.21 -6.47 -30.72
N GLU B 196 -20.58 -7.48 -31.49
CA GLU B 196 -19.72 -7.99 -32.54
C GLU B 196 -19.73 -6.92 -33.65
N SER B 197 -18.54 -6.62 -34.18
CA SER B 197 -18.34 -5.52 -35.15
C SER B 197 -18.17 -4.15 -34.45
N ASN B 198 -18.50 -4.08 -33.16
CA ASN B 198 -18.22 -2.90 -32.34
C ASN B 198 -18.01 -3.25 -30.86
N PRO B 199 -16.78 -3.68 -30.50
CA PRO B 199 -16.51 -4.27 -29.18
C PRO B 199 -16.34 -3.20 -28.09
N GLY B 200 -16.26 -3.65 -26.82
CA GLY B 200 -15.95 -2.78 -25.69
C GLY B 200 -14.49 -2.91 -25.35
N VAL B 201 -14.04 -2.22 -24.31
CA VAL B 201 -12.63 -2.23 -23.92
C VAL B 201 -12.42 -2.74 -22.47
N ALA B 202 -11.26 -3.33 -22.22
CA ALA B 202 -10.82 -3.71 -20.88
C ALA B 202 -9.38 -3.22 -20.62
N TRP B 203 -9.18 -2.60 -19.47
CA TRP B 203 -7.89 -1.99 -19.10
C TRP B 203 -7.25 -2.69 -17.90
N TRP B 204 -5.92 -2.61 -17.83
CA TRP B 204 -5.19 -2.70 -16.57
C TRP B 204 -4.09 -1.61 -16.54
N VAL B 205 -4.15 -0.71 -15.56
CA VAL B 205 -3.14 0.36 -15.42
C VAL B 205 -2.52 0.38 -14.01
N GLY B 206 -1.24 0.69 -13.95
CA GLY B 206 -0.59 0.89 -12.65
C GLY B 206 0.87 1.25 -12.75
N TRP B 207 1.58 0.98 -11.65
CA TRP B 207 3.04 1.07 -11.61
C TRP B 207 3.63 0.10 -10.56
N VAL B 208 4.87 -0.32 -10.78
CA VAL B 208 5.53 -1.24 -9.87
C VAL B 208 6.81 -0.59 -9.29
N GLU B 209 6.85 -0.45 -7.97
CA GLU B 209 8.05 -0.02 -7.25
C GLU B 209 8.86 -1.26 -6.86
N LYS B 210 10.11 -1.31 -7.29
CA LYS B 210 10.94 -2.51 -7.17
C LYS B 210 12.39 -2.07 -7.15
N GLU B 211 13.09 -2.38 -6.05
CA GLU B 211 14.45 -1.85 -5.80
C GLU B 211 14.40 -0.31 -5.82
N THR B 212 15.41 0.31 -6.40
CA THR B 212 15.41 1.77 -6.60
C THR B 212 14.70 2.19 -7.89
N GLU B 213 14.33 1.20 -8.70
CA GLU B 213 13.64 1.46 -9.97
C GLU B 213 12.12 1.53 -9.79
N VAL B 214 11.45 2.24 -10.71
CA VAL B 214 9.97 2.29 -10.76
C VAL B 214 9.53 2.01 -12.23
N TYR B 215 8.47 1.22 -12.39
CA TYR B 215 7.99 0.79 -13.72
C TYR B 215 6.52 1.09 -13.94
N PHE B 216 6.22 2.04 -14.82
CA PHE B 216 4.83 2.38 -15.13
C PHE B 216 4.32 1.53 -16.29
N PHE B 217 3.03 1.17 -16.26
CA PHE B 217 2.42 0.29 -17.27
C PHE B 217 0.95 0.58 -17.53
N ALA B 218 0.54 0.35 -18.78
CA ALA B 218 -0.88 0.38 -19.18
C ALA B 218 -1.17 -0.67 -20.23
N PHE B 219 -2.29 -1.37 -20.06
CA PHE B 219 -2.72 -2.41 -20.97
C PHE B 219 -4.20 -2.18 -21.31
N ASN B 220 -4.55 -2.36 -22.58
CA ASN B 220 -5.96 -2.44 -22.99
C ASN B 220 -6.19 -3.39 -24.17
N MET B 221 -7.41 -3.92 -24.24
CA MET B 221 -7.75 -4.91 -25.26
C MET B 221 -9.21 -4.76 -25.71
N ASP B 222 -9.46 -5.10 -26.97
CA ASP B 222 -10.82 -5.27 -27.48
C ASP B 222 -11.46 -6.47 -26.79
N ILE B 223 -12.73 -6.35 -26.44
CA ILE B 223 -13.44 -7.42 -25.73
C ILE B 223 -14.94 -7.44 -26.03
N ASP B 224 -15.44 -8.63 -26.36
CA ASP B 224 -16.87 -8.81 -26.62
C ASP B 224 -17.48 -9.93 -25.76
N ASN B 225 -16.62 -10.69 -25.08
CA ASN B 225 -17.05 -11.82 -24.27
C ASN B 225 -16.48 -11.73 -22.86
N GLU B 226 -17.34 -11.97 -21.86
CA GLU B 226 -16.97 -11.84 -20.45
C GLU B 226 -15.91 -12.86 -20.00
N SER B 227 -15.86 -14.02 -20.65
CA SER B 227 -14.90 -15.06 -20.29
C SER B 227 -13.44 -14.66 -20.57
N LYS B 228 -13.25 -13.62 -21.38
CA LYS B 228 -11.90 -13.13 -21.74
C LYS B 228 -11.33 -12.18 -20.67
N LEU B 229 -12.19 -11.74 -19.77
CA LEU B 229 -11.85 -10.68 -18.79
C LEU B 229 -10.57 -10.95 -17.97
N PRO B 230 -10.38 -12.20 -17.44
CA PRO B 230 -9.11 -12.53 -16.75
C PRO B 230 -7.83 -12.17 -17.53
N LEU B 231 -7.90 -12.19 -18.87
CA LEU B 231 -6.73 -11.84 -19.71
C LEU B 231 -6.23 -10.39 -19.53
N ARG B 232 -7.10 -9.48 -19.09
CA ARG B 232 -6.68 -8.09 -18.86
C ARG B 232 -5.51 -8.04 -17.85
N LYS B 233 -5.41 -9.06 -17.00
CA LYS B 233 -4.35 -9.15 -16.00
C LYS B 233 -3.28 -10.21 -16.29
N SER B 234 -3.70 -11.35 -16.86
CA SER B 234 -2.77 -12.49 -17.04
C SER B 234 -1.69 -12.26 -18.11
N ILE B 235 -2.03 -11.49 -19.15
CA ILE B 235 -1.06 -11.14 -20.21
C ILE B 235 0.03 -10.14 -19.71
N PRO B 236 -0.38 -8.96 -19.17
CA PRO B 236 0.62 -8.03 -18.62
C PRO B 236 1.51 -8.66 -17.55
N THR B 237 0.92 -9.50 -16.70
CA THR B 237 1.68 -10.27 -15.70
C THR B 237 2.75 -11.13 -16.39
N LYS B 238 2.34 -11.92 -17.39
CA LYS B 238 3.27 -12.74 -18.17
C LYS B 238 4.46 -11.94 -18.70
N ILE B 239 4.16 -10.80 -19.34
CA ILE B 239 5.20 -9.95 -19.92
C ILE B 239 6.15 -9.43 -18.85
N MET B 240 5.58 -8.96 -17.75
CA MET B 240 6.37 -8.42 -16.62
C MET B 240 7.15 -9.51 -15.82
N GLU B 241 6.68 -10.75 -15.85
CA GLU B 241 7.41 -11.89 -15.24
C GLU B 241 8.68 -12.20 -16.00
N SER B 242 8.57 -12.27 -17.33
CA SER B 242 9.71 -12.57 -18.19
C SER B 242 10.76 -11.45 -18.19
N GLU B 243 10.35 -10.26 -17.75
CA GLU B 243 11.27 -9.13 -17.64
C GLU B 243 11.84 -9.02 -16.22
N GLY B 244 11.40 -9.91 -15.33
CA GLY B 244 11.94 -9.99 -13.98
C GLY B 244 11.47 -8.89 -13.06
N ILE B 245 10.29 -8.37 -13.34
CA ILE B 245 9.72 -7.29 -12.52
C ILE B 245 8.97 -7.87 -11.29
N ILE B 246 7.84 -8.54 -11.53
CA ILE B 246 7.04 -9.12 -10.43
C ILE B 246 7.17 -10.66 -10.40
N GLY B 247 6.62 -11.27 -9.34
CA GLY B 247 6.61 -12.74 -9.21
C GLY B 247 7.98 -13.30 -8.91
#